data_7HJE
#
_entry.id   7HJE
#
_cell.length_a   26.045
_cell.length_b   47.136
_cell.length_c   46.473
_cell.angle_alpha   90.000
_cell.angle_beta   103.000
_cell.angle_gamma   90.000
#
_symmetry.space_group_name_H-M   'P 1 21 1'
#
loop_
_entity.id
_entity.type
_entity.pdbx_description
1 polymer 'De novo designed ABLE protein'
2 non-polymer O-TOLUENESULFONAMIDE
3 water water
#
_entity_poly.entity_id   1
_entity_poly.type   'polypeptide(L)'
_entity_poly.pdbx_seq_one_letter_code
;SVKSEYAEAAAVGQEAVAVFNTMKAAFQNGDKEAVAQYLARLASLYTRHEELLNRILEKARREGNKEAVTLMNEFTATFQ
TGKSIFNAMVAAFKNGDDDSFESYLQALEKVTAKGETLADQIAKAL
;
_entity_poly.pdbx_strand_id   A
#
# COMPACT_ATOMS: atom_id res chain seq x y z
N SER A 1 22.82 -2.99 1.17
CA SER A 1 22.53 -3.02 2.61
C SER A 1 21.03 -3.11 2.80
N VAL A 2 20.62 -3.48 4.01
CA VAL A 2 19.20 -3.51 4.30
C VAL A 2 18.64 -2.09 4.18
N LYS A 3 19.46 -1.08 4.46
CA LYS A 3 18.97 0.29 4.39
C LYS A 3 18.68 0.69 2.95
N SER A 4 19.54 0.29 2.01
CA SER A 4 19.28 0.60 0.61
C SER A 4 18.16 -0.27 0.04
N GLU A 5 18.02 -1.49 0.54
CA GLU A 5 16.86 -2.29 0.17
C GLU A 5 15.57 -1.60 0.64
N TYR A 6 15.61 -0.94 1.80
CA TYR A 6 14.40 -0.26 2.26
C TYR A 6 14.12 0.98 1.42
N ALA A 7 15.16 1.66 0.95
CA ALA A 7 14.93 2.81 0.06
C ALA A 7 14.31 2.37 -1.27
N GLU A 8 14.72 1.21 -1.77
CA GLU A 8 14.11 0.65 -2.97
C GLU A 8 12.64 0.30 -2.70
N ALA A 9 12.37 -0.28 -1.54
CA ALA A 9 11.01 -0.56 -1.14
C ALA A 9 10.21 0.72 -1.01
N ALA A 10 10.82 1.75 -0.41
CA ALA A 10 10.07 3.00 -0.27
C ALA A 10 9.71 3.58 -1.62
N ALA A 11 10.58 3.43 -2.61
CA ALA A 11 10.27 3.99 -3.93
C ALA A 11 9.12 3.24 -4.57
N VAL A 12 9.10 1.92 -4.43
CA VAL A 12 7.96 1.15 -4.95
C VAL A 12 6.67 1.62 -4.27
N GLY A 13 6.71 1.84 -2.95
N GLY A 13 6.71 1.81 -2.95
CA GLY A 13 5.55 2.40 -2.28
CA GLY A 13 5.54 2.32 -2.26
C GLY A 13 5.11 3.73 -2.88
C GLY A 13 5.07 3.66 -2.80
N GLN A 14 6.07 4.61 -3.18
N GLN A 14 6.03 4.57 -3.05
CA GLN A 14 5.72 5.90 -3.79
CA GLN A 14 5.66 5.89 -3.55
C GLN A 14 5.16 5.73 -5.20
C GLN A 14 5.14 5.84 -4.98
N GLU A 15 5.60 4.70 -5.94
N GLU A 15 5.57 4.85 -5.76
CA GLU A 15 5.02 4.44 -7.25
CA GLU A 15 4.98 4.65 -7.08
C GLU A 15 3.55 4.06 -7.12
C GLU A 15 3.52 4.27 -6.95
N ALA A 16 3.21 3.29 -6.09
CA ALA A 16 1.81 2.95 -5.86
C ALA A 16 1.01 4.16 -5.44
N VAL A 17 1.59 5.05 -4.62
CA VAL A 17 0.86 6.29 -4.30
C VAL A 17 0.55 7.07 -5.58
N ALA A 18 1.53 7.16 -6.47
N ALA A 18 1.52 7.15 -6.48
CA ALA A 18 1.29 7.93 -7.69
CA ALA A 18 1.31 7.93 -7.70
C ALA A 18 0.19 7.31 -8.54
C ALA A 18 0.20 7.33 -8.55
N VAL A 19 0.28 5.99 -8.76
N VAL A 19 0.27 6.01 -8.79
CA VAL A 19 -0.70 5.31 -9.59
CA VAL A 19 -0.74 5.37 -9.62
C VAL A 19 -2.08 5.37 -8.94
C VAL A 19 -2.10 5.40 -8.94
N PHE A 20 -2.12 5.27 -7.61
CA PHE A 20 -3.39 5.35 -6.88
C PHE A 20 -4.07 6.69 -7.11
N ASN A 21 -3.32 7.79 -7.04
N ASN A 21 -3.30 7.78 -7.07
CA ASN A 21 -3.97 9.09 -7.23
CA ASN A 21 -3.90 9.10 -7.24
C ASN A 21 -4.45 9.26 -8.67
C ASN A 21 -4.42 9.31 -8.66
N THR A 22 -3.69 8.75 -9.65
N THR A 22 -3.72 8.78 -9.67
CA THR A 22 -4.19 8.75 -11.02
CA THR A 22 -4.25 8.88 -11.03
C THR A 22 -5.46 7.93 -11.13
C THR A 22 -5.41 7.93 -11.25
N MET A 23 -5.49 6.77 -10.46
N MET A 23 -5.48 6.85 -10.48
CA MET A 23 -6.66 5.92 -10.50
CA MET A 23 -6.64 5.96 -10.52
C MET A 23 -7.87 6.60 -9.87
C MET A 23 -7.86 6.63 -9.90
N LYS A 24 -7.66 7.33 -8.78
CA LYS A 24 -8.76 8.03 -8.12
C LYS A 24 -9.35 9.06 -9.06
N ALA A 25 -8.50 9.79 -9.79
CA ALA A 25 -9.00 10.78 -10.75
C ALA A 25 -9.81 10.10 -11.86
N ALA A 26 -9.32 8.96 -12.35
CA ALA A 26 -10.04 8.23 -13.38
C ALA A 26 -11.38 7.70 -12.87
N PHE A 27 -11.42 7.16 -11.66
CA PHE A 27 -12.68 6.72 -11.08
C PHE A 27 -13.67 7.87 -11.03
N GLN A 28 -13.23 9.02 -10.52
CA GLN A 28 -14.16 10.15 -10.42
C GLN A 28 -14.67 10.54 -11.79
N ASN A 29 -13.82 10.47 -12.83
CA ASN A 29 -14.21 10.84 -14.19
C ASN A 29 -15.02 9.75 -14.89
N GLY A 30 -15.16 8.58 -14.29
CA GLY A 30 -15.94 7.51 -14.89
C GLY A 30 -15.23 6.73 -15.98
N ASP A 31 -13.89 6.83 -16.04
CA ASP A 31 -13.09 6.18 -17.07
C ASP A 31 -12.73 4.78 -16.55
N LYS A 32 -13.71 3.88 -16.66
N LYS A 32 -13.70 3.87 -16.68
CA LYS A 32 -13.58 2.57 -16.04
CA LYS A 32 -13.57 2.56 -16.07
C LYS A 32 -12.51 1.74 -16.71
C LYS A 32 -12.49 1.73 -16.75
N GLU A 33 -12.28 1.93 -18.01
N GLU A 33 -12.26 1.95 -18.05
CA GLU A 33 -11.21 1.19 -18.68
CA GLU A 33 -11.20 1.21 -18.73
C GLU A 33 -9.85 1.56 -18.09
C GLU A 33 -9.84 1.57 -18.17
N ALA A 34 -9.65 2.84 -17.79
CA ALA A 34 -8.40 3.23 -17.15
C ALA A 34 -8.32 2.68 -15.75
N VAL A 35 -9.41 2.79 -15.00
CA VAL A 35 -9.38 2.26 -13.63
C VAL A 35 -8.95 0.80 -13.62
N ALA A 36 -9.57 -0.02 -14.50
CA ALA A 36 -9.19 -1.44 -14.52
C ALA A 36 -7.69 -1.63 -14.67
N GLN A 37 -7.09 -0.89 -15.60
CA GLN A 37 -5.65 -1.04 -15.83
C GLN A 37 -4.84 -0.57 -14.64
N TYR A 38 -5.21 0.57 -14.05
CA TYR A 38 -4.51 1.04 -12.86
C TYR A 38 -4.64 0.06 -11.70
N LEU A 39 -5.81 -0.56 -11.52
CA LEU A 39 -5.95 -1.56 -10.46
C LEU A 39 -5.04 -2.76 -10.67
N ALA A 40 -4.87 -3.21 -11.93
CA ALA A 40 -3.93 -4.28 -12.20
C ALA A 40 -2.51 -3.85 -11.88
N ARG A 41 -2.18 -2.59 -12.24
CA ARG A 41 -0.82 -2.08 -11.98
C ARG A 41 -0.57 -1.95 -10.48
N LEU A 42 -1.58 -1.49 -9.73
N LEU A 42 -1.56 -1.46 -9.74
CA LEU A 42 -1.47 -1.41 -8.29
CA LEU A 42 -1.42 -1.34 -8.29
C LEU A 42 -1.32 -2.79 -7.65
C LEU A 42 -1.26 -2.71 -7.64
N ALA A 43 -2.03 -3.80 -8.17
N ALA A 43 -2.01 -3.72 -8.10
CA ALA A 43 -1.89 -5.12 -7.57
CA ALA A 43 -1.87 -5.06 -7.53
C ALA A 43 -0.46 -5.61 -7.69
C ALA A 43 -0.46 -5.58 -7.73
N SER A 44 0.15 -5.41 -8.85
N SER A 44 0.15 -5.28 -8.87
CA SER A 44 1.53 -5.84 -9.04
CA SER A 44 1.52 -5.71 -9.10
C SER A 44 2.47 -5.05 -8.14
C SER A 44 2.50 -4.98 -8.19
N LEU A 45 2.23 -3.75 -8.01
N LEU A 45 2.31 -3.67 -8.01
CA LEU A 45 3.07 -2.92 -7.15
CA LEU A 45 3.18 -2.91 -7.13
C LEU A 45 2.94 -3.32 -5.68
C LEU A 45 3.04 -3.36 -5.68
N TYR A 46 1.74 -3.62 -5.21
N TYR A 46 1.80 -3.49 -5.20
CA TYR A 46 1.62 -4.04 -3.83
CA TYR A 46 1.60 -3.88 -3.81
C TYR A 46 2.26 -5.40 -3.62
C TYR A 46 2.13 -5.29 -3.56
N THR A 47 2.13 -6.30 -4.58
N THR A 47 1.98 -6.19 -4.54
CA THR A 47 2.78 -7.60 -4.44
CA THR A 47 2.57 -7.51 -4.41
C THR A 47 4.29 -7.45 -4.29
C THR A 47 4.09 -7.44 -4.29
N ARG A 48 4.89 -6.61 -5.15
N ARG A 48 4.71 -6.58 -5.09
CA ARG A 48 6.33 -6.35 -5.07
CA ARG A 48 6.17 -6.41 -5.05
C ARG A 48 6.70 -5.68 -3.75
C ARG A 48 6.61 -5.78 -3.73
N HIS A 49 5.93 -4.69 -3.32
N HIS A 49 5.91 -4.72 -3.30
CA HIS A 49 6.22 -4.00 -2.07
CA HIS A 49 6.29 -4.04 -2.07
C HIS A 49 6.19 -5.00 -0.91
C HIS A 49 6.19 -4.99 -0.88
N GLU A 50 5.13 -5.81 -0.84
CA GLU A 50 4.98 -6.79 0.23
C GLU A 50 6.20 -7.71 0.31
N GLU A 51 6.68 -8.17 -0.85
N GLU A 51 6.69 -8.16 -0.85
CA GLU A 51 7.81 -9.09 -0.86
CA GLU A 51 7.82 -9.09 -0.87
C GLU A 51 9.09 -8.41 -0.38
C GLU A 51 9.10 -8.42 -0.40
N LEU A 52 9.33 -7.17 -0.82
CA LEU A 52 10.51 -6.44 -0.37
C LEU A 52 10.47 -6.20 1.14
N LEU A 53 9.28 -5.87 1.66
CA LEU A 53 9.14 -5.64 3.10
C LEU A 53 9.42 -6.91 3.88
N ASN A 54 9.00 -8.07 3.36
CA ASN A 54 9.23 -9.32 4.08
C ASN A 54 10.71 -9.65 4.10
N ARG A 55 11.39 -9.39 2.99
CA ARG A 55 12.82 -9.64 2.97
C ARG A 55 13.56 -8.72 3.94
N ILE A 56 13.11 -7.48 4.05
CA ILE A 56 13.74 -6.54 4.97
C ILE A 56 13.53 -6.99 6.40
N LEU A 57 12.30 -7.40 6.73
CA LEU A 57 12.03 -7.87 8.08
C LEU A 57 12.85 -9.11 8.40
N GLU A 58 12.87 -10.09 7.49
CA GLU A 58 13.67 -11.29 7.75
C GLU A 58 15.16 -10.95 7.95
N LYS A 59 15.67 -9.98 7.20
CA LYS A 59 17.08 -9.60 7.34
C LYS A 59 17.32 -8.92 8.69
N ALA A 60 16.45 -7.99 9.06
CA ALA A 60 16.55 -7.38 10.39
C ALA A 60 16.52 -8.44 11.49
N ARG A 61 15.70 -9.48 11.34
CA ARG A 61 15.67 -10.55 12.33
C ARG A 61 17.02 -11.29 12.38
N ARG A 62 17.57 -11.61 11.20
CA ARG A 62 18.84 -12.34 11.16
C ARG A 62 19.98 -11.50 11.73
N GLU A 63 19.89 -10.18 11.59
CA GLU A 63 20.87 -9.23 12.10
C GLU A 63 20.70 -8.96 13.58
N GLY A 64 19.63 -9.46 14.21
CA GLY A 64 19.35 -9.19 15.61
C GLY A 64 18.99 -7.75 15.91
N ASN A 65 18.46 -7.03 14.94
CA ASN A 65 18.16 -5.60 15.09
C ASN A 65 16.77 -5.48 15.69
N LYS A 66 16.73 -5.59 17.03
CA LYS A 66 15.44 -5.75 17.71
C LYS A 66 14.51 -4.59 17.43
N GLU A 67 15.01 -3.37 17.49
CA GLU A 67 14.09 -2.25 17.29
C GLU A 67 13.56 -2.25 15.87
N ALA A 68 14.42 -2.49 14.88
CA ALA A 68 13.91 -2.53 13.52
C ALA A 68 12.91 -3.65 13.32
N VAL A 69 13.09 -4.79 14.00
CA VAL A 69 12.12 -5.88 13.89
C VAL A 69 10.77 -5.45 14.47
N THR A 70 10.76 -4.83 15.66
CA THR A 70 9.52 -4.35 16.26
C THR A 70 8.76 -3.45 15.30
N LEU A 71 9.46 -2.45 14.76
CA LEU A 71 8.83 -1.48 13.89
C LEU A 71 8.34 -2.14 12.60
N MET A 72 9.14 -3.03 12.02
CA MET A 72 8.73 -3.73 10.81
C MET A 72 7.57 -4.69 11.05
N ASN A 73 7.52 -5.35 12.22
CA ASN A 73 6.33 -6.14 12.54
C ASN A 73 5.07 -5.27 12.58
N GLU A 74 5.15 -4.09 13.22
N GLU A 74 5.15 -4.10 13.22
CA GLU A 74 4.00 -3.19 13.23
CA GLU A 74 4.00 -3.20 13.25
C GLU A 74 3.66 -2.73 11.83
C GLU A 74 3.69 -2.67 11.85
N PHE A 75 4.68 -2.36 11.05
N PHE A 75 4.72 -2.46 11.03
CA PHE A 75 4.43 -1.78 9.74
CA PHE A 75 4.51 -1.98 9.68
C PHE A 75 3.83 -2.80 8.78
C PHE A 75 3.92 -3.05 8.77
N THR A 76 4.36 -4.02 8.76
N THR A 76 4.40 -4.29 8.91
CA THR A 76 3.79 -5.05 7.89
CA THR A 76 3.92 -5.37 8.05
C THR A 76 2.35 -5.38 8.30
C THR A 76 2.53 -5.83 8.42
N ALA A 77 2.04 -5.33 9.59
N ALA A 77 2.09 -5.63 9.67
CA ALA A 77 0.66 -5.54 10.00
CA ALA A 77 0.71 -5.91 10.02
C ALA A 77 -0.27 -4.48 9.41
C ALA A 77 -0.23 -4.90 9.37
N THR A 78 0.16 -3.21 9.45
N THR A 78 0.08 -3.60 9.51
CA THR A 78 -0.64 -2.15 8.86
CA THR A 78 -0.76 -2.56 8.92
C THR A 78 -0.72 -2.32 7.35
C THR A 78 -0.79 -2.66 7.40
N PHE A 79 0.38 -2.75 6.72
N PHE A 79 0.27 -3.18 6.80
CA PHE A 79 0.36 -3.02 5.28
CA PHE A 79 0.26 -3.42 5.35
C PHE A 79 -0.75 -4.00 4.92
C PHE A 79 -0.84 -4.39 4.97
N GLN A 80 -0.94 -5.05 5.75
N GLN A 80 -1.05 -5.44 5.77
CA GLN A 80 -2.00 -6.03 5.46
CA GLN A 80 -2.09 -6.41 5.46
C GLN A 80 -3.39 -5.41 5.61
C GLN A 80 -3.48 -5.81 5.61
N THR A 81 -3.55 -4.44 6.51
N THR A 81 -3.63 -4.78 6.45
CA THR A 81 -4.82 -3.72 6.57
CA THR A 81 -4.90 -4.05 6.50
C THR A 81 -5.10 -3.02 5.27
C THR A 81 -5.13 -3.33 5.18
N GLY A 82 -4.09 -2.31 4.76
N GLY A 82 -4.11 -2.66 4.66
CA GLY A 82 -4.26 -1.64 3.48
CA GLY A 82 -4.24 -2.04 3.35
C GLY A 82 -4.51 -2.62 2.35
C GLY A 82 -4.54 -3.07 2.28
N LYS A 83 -3.81 -3.75 2.36
N LYS A 83 -3.87 -4.21 2.32
CA LYS A 83 -3.99 -4.75 1.32
CA LYS A 83 -4.10 -5.25 1.33
C LYS A 83 -5.42 -5.32 1.32
C LYS A 83 -5.54 -5.74 1.37
N SER A 84 -5.96 -5.64 2.50
N SER A 84 -6.07 -5.97 2.56
CA SER A 84 -7.32 -6.14 2.57
CA SER A 84 -7.45 -6.45 2.67
C SER A 84 -8.30 -5.10 2.05
C SER A 84 -8.42 -5.43 2.11
N ILE A 85 -8.11 -3.84 2.43
N ILE A 85 -8.16 -4.14 2.35
CA ILE A 85 -9.01 -2.81 1.92
CA ILE A 85 -9.08 -3.12 1.87
C ILE A 85 -8.88 -2.70 0.41
C ILE A 85 -8.91 -2.90 0.37
N PHE A 86 -7.67 -2.82 -0.12
CA PHE A 86 -7.45 -2.76 -1.55
C PHE A 86 -8.20 -3.87 -2.26
N ASN A 87 -8.07 -5.10 -1.75
CA ASN A 87 -8.74 -6.21 -2.39
C ASN A 87 -10.25 -6.01 -2.38
N ALA A 88 -10.78 -5.47 -1.28
CA ALA A 88 -12.21 -5.19 -1.24
C ALA A 88 -12.60 -4.12 -2.26
N MET A 89 -11.71 -3.16 -2.47
CA MET A 89 -11.94 -2.13 -3.48
C MET A 89 -12.02 -2.74 -4.87
N VAL A 90 -11.07 -3.63 -5.17
CA VAL A 90 -11.06 -4.33 -6.45
C VAL A 90 -12.36 -5.09 -6.65
N ALA A 91 -12.85 -5.75 -5.60
CA ALA A 91 -14.11 -6.50 -5.69
C ALA A 91 -15.28 -5.56 -5.94
N ALA A 92 -15.26 -4.40 -5.27
CA ALA A 92 -16.32 -3.41 -5.47
C ALA A 92 -16.34 -2.94 -6.91
N PHE A 93 -15.16 -2.79 -7.52
CA PHE A 93 -15.11 -2.39 -8.92
C PHE A 93 -15.66 -3.47 -9.84
N LYS A 94 -15.25 -4.72 -9.62
N LYS A 94 -15.27 -4.72 -9.60
CA LYS A 94 -15.82 -5.85 -10.34
CA LYS A 94 -15.83 -5.83 -10.37
C LYS A 94 -17.34 -5.86 -10.26
C LYS A 94 -17.34 -5.89 -10.26
N ASN A 95 -17.89 -5.62 -9.07
CA ASN A 95 -19.32 -5.72 -8.84
C ASN A 95 -20.10 -4.49 -9.28
N GLY A 96 -19.42 -3.42 -9.69
CA GLY A 96 -20.09 -2.16 -10.02
C GLY A 96 -20.64 -1.41 -8.84
N ASP A 97 -20.07 -1.60 -7.65
CA ASP A 97 -20.56 -0.95 -6.44
C ASP A 97 -19.72 0.31 -6.20
N ASP A 98 -20.12 1.42 -6.81
CA ASP A 98 -19.31 2.63 -6.68
C ASP A 98 -19.36 3.19 -5.27
N ASP A 99 -20.47 2.98 -4.55
CA ASP A 99 -20.54 3.45 -3.17
C ASP A 99 -19.48 2.78 -2.32
N SER A 100 -19.37 1.46 -2.42
CA SER A 100 -18.32 0.74 -1.68
C SER A 100 -16.94 1.13 -2.19
N PHE A 101 -16.79 1.31 -3.51
CA PHE A 101 -15.47 1.68 -4.03
C PHE A 101 -15.00 3.00 -3.42
N GLU A 102 -15.89 4.00 -3.37
CA GLU A 102 -15.55 5.28 -2.76
C GLU A 102 -15.15 5.10 -1.31
N SER A 103 -15.94 4.35 -0.54
N SER A 103 -15.92 4.32 -0.55
CA SER A 103 -15.65 4.09 0.86
CA SER A 103 -15.64 4.11 0.86
C SER A 103 -14.25 3.50 1.03
C SER A 103 -14.26 3.48 1.06
N TYR A 104 -14.01 2.36 0.39
CA TYR A 104 -12.72 1.70 0.49
C TYR A 104 -11.57 2.61 0.06
N LEU A 105 -11.80 3.44 -0.96
N LEU A 105 -11.81 3.48 -0.91
CA LEU A 105 -10.75 4.32 -1.44
CA LEU A 105 -10.75 4.37 -1.37
C LEU A 105 -10.31 5.32 -0.36
C LEU A 105 -10.38 5.40 -0.30
N GLN A 106 -11.29 5.92 0.32
N GLN A 106 -11.38 5.94 0.39
CA GLN A 106 -10.99 6.85 1.40
CA GLN A 106 -11.10 6.89 1.47
C GLN A 106 -10.33 6.13 2.57
C GLN A 106 -10.34 6.21 2.61
N ALA A 107 -10.78 4.91 2.87
N ALA A 107 -10.76 5.00 2.98
CA ALA A 107 -10.18 4.16 3.96
CA ALA A 107 -10.12 4.30 4.08
C ALA A 107 -8.72 3.83 3.67
C ALA A 107 -8.65 4.04 3.79
N LEU A 108 -8.43 3.42 2.43
N LEU A 108 -8.33 3.67 2.53
CA LEU A 108 -7.05 3.09 2.07
CA LEU A 108 -6.94 3.45 2.18
C LEU A 108 -6.17 4.32 2.16
C LEU A 108 -6.12 4.72 2.34
N GLU A 109 -6.71 5.49 1.84
N GLU A 109 -6.70 5.87 1.96
CA GLU A 109 -5.97 6.74 1.99
CA GLU A 109 -5.97 7.13 2.09
C GLU A 109 -5.64 7.02 3.46
C GLU A 109 -5.66 7.43 3.55
N LYS A 110 -6.60 6.83 4.35
N LYS A 110 -6.57 7.09 4.47
CA LYS A 110 -6.38 7.15 5.76
CA LYS A 110 -6.30 7.28 5.88
C LYS A 110 -5.44 6.15 6.41
C LYS A 110 -5.28 6.25 6.39
N VAL A 111 -5.60 4.87 6.09
N VAL A 111 -5.28 5.05 5.83
CA VAL A 111 -4.68 3.86 6.60
CA VAL A 111 -4.33 4.03 6.26
C VAL A 111 -3.26 4.16 6.15
C VAL A 111 -2.94 4.35 5.74
N THR A 112 -3.10 4.63 4.92
N THR A 112 -2.83 4.75 4.47
CA THR A 112 -1.77 4.90 4.38
CA THR A 112 -1.53 5.07 3.90
C THR A 112 -1.14 6.14 5.00
C THR A 112 -0.91 6.28 4.60
N ALA A 113 -1.93 7.21 5.16
N ALA A 113 -1.74 7.25 4.98
CA ALA A 113 -1.41 8.41 5.77
CA ALA A 113 -1.23 8.42 5.69
C ALA A 113 -0.98 8.17 7.22
C ALA A 113 -0.90 8.13 7.14
N LYS A 114 -1.79 7.40 7.97
N LYS A 114 -1.68 7.25 7.79
CA LYS A 114 -1.44 7.09 9.35
CA LYS A 114 -1.43 6.95 9.20
C LYS A 114 -0.08 6.41 9.42
C LYS A 114 -0.08 6.26 9.40
N GLY A 115 0.18 5.46 8.53
N GLY A 115 0.35 5.45 8.44
CA GLY A 115 1.38 4.66 8.59
CA GLY A 115 1.59 4.72 8.56
C GLY A 115 2.65 5.34 8.14
C GLY A 115 2.82 5.47 8.09
N GLU A 116 2.66 6.66 7.94
N GLU A 116 2.71 6.77 7.82
CA GLU A 116 3.83 7.28 7.34
CA GLU A 116 3.85 7.49 7.27
C GLU A 116 4.91 7.64 8.36
C GLU A 116 4.92 7.74 8.33
N THR A 117 4.52 8.06 9.56
CA THR A 117 5.52 8.32 10.59
C THR A 117 6.32 7.05 10.90
N LEU A 118 5.64 5.90 10.98
CA LEU A 118 6.33 4.64 11.20
C LEU A 118 7.25 4.30 10.02
N ALA A 119 6.77 4.50 8.79
CA ALA A 119 7.61 4.26 7.62
C ALA A 119 8.92 5.04 7.73
N ASP A 120 8.83 6.29 8.19
CA ASP A 120 10.05 7.08 8.35
C ASP A 120 10.90 6.57 9.51
N GLN A 121 10.27 6.10 10.60
N GLN A 121 10.26 6.11 10.60
CA GLN A 121 11.04 5.55 11.71
CA GLN A 121 11.01 5.54 11.71
C GLN A 121 11.86 4.35 11.29
C GLN A 121 11.87 4.37 11.25
N ILE A 122 11.33 3.54 10.36
CA ILE A 122 12.03 2.33 9.96
C ILE A 122 13.31 2.68 9.21
N ALA A 123 13.23 3.65 8.30
CA ALA A 123 14.43 4.05 7.58
C ALA A 123 15.57 4.37 8.53
N LYS A 124 15.25 5.03 9.65
CA LYS A 124 16.27 5.45 10.60
C LYS A 124 16.78 4.29 11.46
N ALA A 125 15.95 3.26 11.63
CA ALA A 125 16.31 2.16 12.52
C ALA A 125 17.15 1.09 11.85
N LEU A 126 17.09 0.96 10.54
CA LEU A 126 17.69 -0.18 9.89
C LEU A 126 19.20 -0.12 9.88
#